data_8A2G
#
_entry.id   8A2G
#
_cell.length_a   64.350
_cell.length_b   69.730
_cell.length_c   57.270
_cell.angle_alpha   90.000
_cell.angle_beta   90.000
_cell.angle_gamma   90.000
#
_symmetry.space_group_name_H-M   'P 21 21 2'
#
loop_
_entity.id
_entity.type
_entity.pdbx_description
1 polymer '2A2 protein'
2 non-polymer 1,2-ETHANEDIOL
3 non-polymer 'TETRAETHYLENE GLYCOL'
4 water water
#
_entity_poly.entity_id   1
_entity_poly.type   'polypeptide(L)'
_entity_poly.pdbx_seq_one_letter_code
;GPLGSPTMELVYKDRGFYKHYGVRVGNAIYHLDSQDILSTAITGQATFDKIEDDGCWLVSQVADLDYFTDKYVNSLVGTK
HIFSATQNCETIARDVFGDSSMTQGRALGILGVILLSAGLLSLMAVPWDVSSLQQVYNQLTRAAAS
;
_entity_poly.pdbx_strand_id   A,B
#
# COMPACT_ATOMS: atom_id res chain seq x y z
N GLY A 1 -11.80 20.75 2.34
CA GLY A 1 -12.75 20.87 3.47
C GLY A 1 -12.33 20.04 4.68
N PRO A 2 -13.12 20.03 5.77
CA PRO A 2 -12.85 19.15 6.92
C PRO A 2 -13.08 17.67 6.58
N LEU A 3 -12.30 16.80 7.22
CA LEU A 3 -12.35 15.36 6.95
C LEU A 3 -13.24 14.63 7.96
N GLY A 4 -13.66 15.30 9.06
CA GLY A 4 -14.42 14.65 10.10
C GLY A 4 -15.07 15.65 11.06
N SER A 5 -15.03 15.36 12.37
CA SER A 5 -15.65 16.21 13.38
C SER A 5 -14.94 17.57 13.50
N PRO A 6 -15.54 18.59 14.12
CA PRO A 6 -14.90 19.91 14.18
C PRO A 6 -13.53 19.96 14.88
N THR A 7 -13.24 19.01 15.79
CA THR A 7 -11.94 19.07 16.48
C THR A 7 -10.95 18.03 15.95
N MET A 8 -11.31 17.31 14.90
CA MET A 8 -10.44 16.28 14.33
CA MET A 8 -10.43 16.29 14.35
C MET A 8 -9.35 16.92 13.47
N GLU A 9 -8.13 16.42 13.60
CA GLU A 9 -6.95 16.93 12.93
C GLU A 9 -6.24 15.76 12.25
N LEU A 10 -5.67 15.99 11.07
CA LEU A 10 -4.79 15.04 10.40
C LEU A 10 -3.38 15.35 10.89
N VAL A 11 -2.73 14.29 11.42
CA VAL A 11 -1.41 14.42 12.03
C VAL A 11 -0.48 13.37 11.44
N TYR A 12 0.84 13.56 11.65
CA TYR A 12 1.74 12.53 11.19
C TYR A 12 3.04 12.56 11.99
N LYS A 13 3.79 11.47 11.85
CA LYS A 13 5.19 11.43 12.22
C LYS A 13 6.00 11.08 10.97
N ASP A 14 7.08 11.82 10.77
CA ASP A 14 7.91 11.67 9.58
C ASP A 14 9.02 10.66 9.80
N ARG A 15 8.99 9.58 9.01
CA ARG A 15 9.99 8.53 9.06
C ARG A 15 11.07 8.70 7.99
N GLY A 16 11.12 9.86 7.34
CA GLY A 16 12.11 10.18 6.33
C GLY A 16 11.68 9.63 4.98
N PHE A 17 11.62 8.31 4.91
CA PHE A 17 11.26 7.61 3.69
C PHE A 17 9.77 7.76 3.38
N TYR A 18 8.97 8.04 4.42
CA TYR A 18 7.54 8.24 4.28
C TYR A 18 7.04 8.94 5.53
N LYS A 19 5.78 9.39 5.49
CA LYS A 19 5.10 9.96 6.64
C LYS A 19 4.05 8.97 7.09
N HIS A 20 3.96 8.76 8.42
CA HIS A 20 2.96 7.89 9.01
C HIS A 20 1.85 8.78 9.58
N TYR A 21 0.66 8.69 8.99
CA TYR A 21 -0.43 9.55 9.35
C TYR A 21 -1.33 8.93 10.42
N GLY A 22 -2.00 9.83 11.13
CA GLY A 22 -3.07 9.47 12.04
C GLY A 22 -4.09 10.60 12.09
N VAL A 23 -5.17 10.39 12.84
CA VAL A 23 -6.11 11.44 13.09
C VAL A 23 -6.19 11.64 14.61
N ARG A 24 -6.22 12.92 14.99
CA ARG A 24 -6.26 13.28 16.40
C ARG A 24 -7.57 13.95 16.77
N VAL A 25 -8.08 13.57 17.93
CA VAL A 25 -9.22 14.22 18.58
C VAL A 25 -8.82 14.45 20.03
N GLY A 26 -8.55 15.71 20.39
CA GLY A 26 -8.07 16.01 21.72
C GLY A 26 -6.66 15.49 21.87
N ASN A 27 -6.43 14.56 22.80
CA ASN A 27 -5.13 13.87 22.88
C ASN A 27 -5.24 12.39 22.52
N ALA A 28 -6.34 11.97 21.91
CA ALA A 28 -6.45 10.63 21.34
C ALA A 28 -6.03 10.66 19.88
N ILE A 29 -5.20 9.69 19.49
CA ILE A 29 -4.74 9.55 18.12
C ILE A 29 -5.15 8.16 17.65
N TYR A 30 -5.82 8.13 16.50
CA TYR A 30 -6.22 6.91 15.83
C TYR A 30 -5.30 6.75 14.63
N HIS A 31 -4.68 5.58 14.50
CA HIS A 31 -3.69 5.32 13.46
C HIS A 31 -3.65 3.81 13.21
N LEU A 32 -3.00 3.41 12.12
CA LEU A 32 -2.74 1.98 11.94
C LEU A 32 -1.60 1.55 12.85
N ASP A 33 -1.77 0.36 13.45
CA ASP A 33 -0.92 -0.10 14.55
C ASP A 33 0.35 -0.77 14.02
N SER A 34 0.49 -0.83 12.70
CA SER A 34 1.72 -1.18 12.01
C SER A 34 1.99 -0.11 10.95
N GLN A 35 3.25 0.29 10.79
CA GLN A 35 3.62 1.16 9.68
C GLN A 35 4.34 0.35 8.60
N ASP A 36 4.29 -0.97 8.71
CA ASP A 36 4.83 -1.87 7.69
C ASP A 36 3.78 -1.98 6.59
N ILE A 37 3.78 -0.99 5.71
CA ILE A 37 2.73 -0.88 4.72
C ILE A 37 2.82 -2.05 3.75
N LEU A 38 4.02 -2.60 3.51
CA LEU A 38 4.11 -3.80 2.69
C LEU A 38 3.37 -4.96 3.32
N SER A 39 3.58 -5.25 4.60
CA SER A 39 2.90 -6.36 5.25
CA SER A 39 2.90 -6.36 5.25
C SER A 39 1.39 -6.12 5.23
N THR A 40 1.01 -4.87 5.50
CA THR A 40 -0.38 -4.48 5.49
C THR A 40 -1.00 -4.72 4.11
N ALA A 41 -0.31 -4.26 3.05
CA ALA A 41 -0.83 -4.38 1.68
C ALA A 41 -0.87 -5.86 1.26
N ILE A 42 0.20 -6.63 1.53
CA ILE A 42 0.31 -8.01 1.08
C ILE A 42 -0.72 -8.90 1.79
N THR A 43 -1.00 -8.63 3.06
CA THR A 43 -1.86 -9.49 3.85
C THR A 43 -3.30 -9.01 3.82
N GLY A 44 -3.56 -7.76 3.38
CA GLY A 44 -4.92 -7.24 3.32
C GLY A 44 -5.52 -7.09 4.71
N GLN A 45 -4.68 -6.70 5.67
CA GLN A 45 -5.08 -6.61 7.06
C GLN A 45 -4.43 -5.37 7.67
N ALA A 46 -5.26 -4.41 8.07
CA ALA A 46 -4.80 -3.19 8.70
C ALA A 46 -5.65 -3.01 9.94
N THR A 47 -5.00 -2.80 11.06
CA THR A 47 -5.73 -2.67 12.30
C THR A 47 -5.49 -1.30 12.89
N PHE A 48 -6.58 -0.54 13.07
CA PHE A 48 -6.52 0.71 13.81
C PHE A 48 -6.33 0.46 15.29
N ASP A 49 -5.61 1.39 15.92
CA ASP A 49 -5.50 1.47 17.35
C ASP A 49 -5.62 2.95 17.77
N LYS A 50 -5.97 3.12 19.06
CA LYS A 50 -6.11 4.42 19.70
C LYS A 50 -5.00 4.56 20.74
N ILE A 51 -4.21 5.62 20.62
CA ILE A 51 -3.10 5.87 21.53
C ILE A 51 -3.25 7.25 22.13
N GLU A 52 -2.46 7.50 23.18
CA GLU A 52 -2.32 8.83 23.73
CA GLU A 52 -2.30 8.83 23.75
C GLU A 52 -1.26 9.63 22.97
N ASP A 53 -1.57 10.91 22.73
CA ASP A 53 -0.65 11.87 22.09
C ASP A 53 0.57 12.07 22.97
N ASP A 54 1.76 11.87 22.41
CA ASP A 54 3.02 12.05 23.13
C ASP A 54 3.60 13.45 22.91
N GLY A 55 2.89 14.29 22.16
CA GLY A 55 3.33 15.64 21.89
C GLY A 55 4.28 15.74 20.72
N CYS A 56 4.58 14.62 20.06
CA CYS A 56 5.56 14.58 18.99
C CYS A 56 4.97 14.30 17.60
N TRP A 57 3.67 14.59 17.42
CA TRP A 57 3.00 14.54 16.13
C TRP A 57 2.98 15.93 15.49
N LEU A 58 3.01 15.97 14.16
CA LEU A 58 2.92 17.23 13.41
CA LEU A 58 2.91 17.23 13.42
C LEU A 58 1.53 17.30 12.78
N VAL A 59 1.03 18.52 12.60
CA VAL A 59 -0.28 18.76 12.04
C VAL A 59 -0.14 18.99 10.54
N SER A 60 -0.95 18.29 9.75
CA SER A 60 -1.07 18.56 8.33
C SER A 60 -2.12 19.62 8.06
N GLN A 61 -1.76 20.50 7.14
CA GLN A 61 -2.76 21.34 6.50
C GLN A 61 -3.49 20.52 5.44
N VAL A 62 -4.80 20.35 5.60
CA VAL A 62 -5.55 19.38 4.83
C VAL A 62 -5.86 19.91 3.43
N ALA A 63 -5.89 21.24 3.24
CA ALA A 63 -6.18 21.83 1.94
C ALA A 63 -7.43 21.13 1.38
N ASP A 64 -7.33 20.59 0.15
CA ASP A 64 -8.50 20.01 -0.49
C ASP A 64 -8.45 18.47 -0.51
N LEU A 65 -7.72 17.84 0.41
CA LEU A 65 -7.56 16.40 0.43
C LEU A 65 -8.92 15.69 0.39
N ASP A 66 -9.95 16.22 1.08
CA ASP A 66 -11.23 15.54 1.10
C ASP A 66 -11.85 15.39 -0.28
N TYR A 67 -11.50 16.26 -1.23
CA TYR A 67 -11.95 16.08 -2.61
C TYR A 67 -11.54 14.70 -3.12
N PHE A 68 -10.29 14.32 -2.84
CA PHE A 68 -9.77 13.05 -3.30
C PHE A 68 -10.29 11.87 -2.46
N THR A 69 -10.21 12.00 -1.13
CA THR A 69 -10.59 10.89 -0.25
C THR A 69 -12.08 10.57 -0.42
N ASP A 70 -12.92 11.61 -0.62
CA ASP A 70 -14.35 11.34 -0.79
C ASP A 70 -14.60 10.46 -2.00
N LYS A 71 -13.82 10.64 -3.07
CA LYS A 71 -14.03 9.83 -4.26
C LYS A 71 -13.80 8.36 -3.95
N TYR A 72 -12.74 8.04 -3.19
CA TYR A 72 -12.44 6.66 -2.86
C TYR A 72 -13.45 6.09 -1.87
N VAL A 73 -13.89 6.91 -0.93
CA VAL A 73 -14.91 6.47 0.01
C VAL A 73 -16.16 6.09 -0.79
N ASN A 74 -16.53 6.94 -1.76
CA ASN A 74 -17.75 6.70 -2.50
CA ASN A 74 -17.73 6.73 -2.56
C ASN A 74 -17.64 5.43 -3.35
N SER A 75 -16.41 5.08 -3.80
CA SER A 75 -16.21 3.90 -4.63
C SER A 75 -16.20 2.59 -3.84
N LEU A 76 -15.99 2.69 -2.54
CA LEU A 76 -15.75 1.50 -1.74
C LEU A 76 -16.80 1.43 -0.64
N VAL A 77 -18.00 1.95 -0.94
CA VAL A 77 -19.10 2.01 0.00
C VAL A 77 -19.69 0.61 0.14
N GLY A 78 -20.10 0.03 -0.99
CA GLY A 78 -20.57 -1.35 -1.05
C GLY A 78 -19.46 -2.28 -1.51
N THR A 79 -18.41 -2.34 -0.69
CA THR A 79 -17.16 -3.01 -1.01
C THR A 79 -16.42 -3.31 0.29
N LYS A 80 -15.98 -4.56 0.46
CA LYS A 80 -15.20 -4.93 1.62
C LYS A 80 -13.92 -4.09 1.62
N HIS A 81 -13.46 -3.69 2.80
CA HIS A 81 -12.17 -3.03 2.89
C HIS A 81 -11.33 -3.79 3.91
N ILE A 82 -10.05 -3.45 4.03
CA ILE A 82 -9.10 -4.20 4.85
C ILE A 82 -9.03 -3.74 6.32
N PHE A 83 -9.82 -2.74 6.71
CA PHE A 83 -9.58 -2.04 7.98
C PHE A 83 -10.42 -2.65 9.11
N SER A 84 -9.73 -3.02 10.18
CA SER A 84 -10.33 -3.50 11.40
C SER A 84 -9.79 -2.60 12.50
N ALA A 85 -10.12 -2.91 13.74
CA ALA A 85 -9.69 -2.05 14.84
C ALA A 85 -9.55 -2.87 16.09
N THR A 86 -8.68 -2.39 16.99
CA THR A 86 -8.65 -2.92 18.35
C THR A 86 -9.92 -2.47 19.07
N GLN A 87 -10.23 -3.03 20.25
CA GLN A 87 -11.47 -2.71 20.92
CA GLN A 87 -11.46 -2.73 20.96
C GLN A 87 -11.41 -1.34 21.60
N ASN A 88 -10.20 -0.77 21.70
CA ASN A 88 -9.99 0.60 22.15
C ASN A 88 -10.65 1.59 21.19
N CYS A 89 -11.01 1.12 19.99
CA CYS A 89 -11.58 2.02 19.01
C CYS A 89 -13.09 1.87 18.90
N GLU A 90 -13.75 1.35 19.94
CA GLU A 90 -15.20 1.19 19.90
C GLU A 90 -15.89 2.53 19.68
N THR A 91 -15.32 3.63 20.20
CA THR A 91 -15.98 4.91 20.07
C THR A 91 -15.39 5.78 18.95
N ILE A 92 -14.73 5.19 17.95
CA ILE A 92 -14.13 5.98 16.90
C ILE A 92 -15.17 6.77 16.09
N ALA A 93 -16.35 6.21 15.85
CA ALA A 93 -17.30 6.94 14.99
C ALA A 93 -17.75 8.23 15.68
N ARG A 94 -18.06 8.13 16.97
CA ARG A 94 -18.51 9.34 17.68
C ARG A 94 -17.33 10.29 17.84
N ASP A 95 -16.13 9.78 18.17
CA ASP A 95 -14.99 10.65 18.43
C ASP A 95 -14.56 11.41 17.17
N VAL A 96 -14.33 10.69 16.06
CA VAL A 96 -13.69 11.19 14.86
C VAL A 96 -14.67 11.87 13.91
N PHE A 97 -15.88 11.32 13.80
CA PHE A 97 -16.86 11.80 12.83
C PHE A 97 -18.03 12.51 13.50
N GLY A 98 -18.16 12.43 14.83
CA GLY A 98 -19.20 13.14 15.56
C GLY A 98 -20.58 12.55 15.33
N ASP A 99 -20.62 11.25 14.99
CA ASP A 99 -21.87 10.60 14.61
C ASP A 99 -21.92 9.21 15.26
N SER A 100 -22.62 9.12 16.40
CA SER A 100 -22.79 7.88 17.16
C SER A 100 -23.59 6.82 16.39
N SER A 101 -24.36 7.22 15.38
CA SER A 101 -25.16 6.30 14.59
C SER A 101 -24.37 5.63 13.46
N MET A 102 -23.19 6.18 13.09
CA MET A 102 -22.35 5.62 12.06
CA MET A 102 -22.35 5.62 12.05
C MET A 102 -21.78 4.30 12.57
N THR A 103 -21.77 3.26 11.72
CA THR A 103 -21.17 2.01 12.13
C THR A 103 -19.66 2.16 12.25
N GLN A 104 -19.07 1.33 13.12
CA GLN A 104 -17.63 1.31 13.26
C GLN A 104 -16.99 1.01 11.91
N GLY A 105 -17.53 0.02 11.19
CA GLY A 105 -17.02 -0.39 9.88
C GLY A 105 -16.93 0.77 8.89
N ARG A 106 -17.98 1.59 8.88
CA ARG A 106 -18.03 2.69 7.92
C ARG A 106 -16.96 3.70 8.33
N ALA A 107 -16.85 3.96 9.64
CA ALA A 107 -15.86 4.90 10.16
C ALA A 107 -14.44 4.43 9.82
N LEU A 108 -14.20 3.14 10.00
CA LEU A 108 -12.87 2.62 9.75
C LEU A 108 -12.53 2.68 8.26
N GLY A 109 -13.52 2.44 7.40
CA GLY A 109 -13.30 2.51 5.97
C GLY A 109 -12.92 3.92 5.54
N ILE A 110 -13.63 4.91 6.10
CA ILE A 110 -13.36 6.30 5.74
C ILE A 110 -11.97 6.69 6.21
N LEU A 111 -11.67 6.41 7.49
CA LEU A 111 -10.38 6.81 8.04
CA LEU A 111 -10.38 6.83 8.03
C LEU A 111 -9.23 6.07 7.35
N GLY A 112 -9.44 4.80 7.01
CA GLY A 112 -8.40 4.05 6.34
C GLY A 112 -8.09 4.64 4.98
N VAL A 113 -9.15 5.03 4.26
CA VAL A 113 -8.97 5.69 2.98
C VAL A 113 -8.18 7.00 3.17
N ILE A 114 -8.53 7.79 4.19
CA ILE A 114 -7.85 9.05 4.40
C ILE A 114 -6.36 8.83 4.70
N LEU A 115 -6.05 7.92 5.63
CA LEU A 115 -4.65 7.74 6.03
C LEU A 115 -3.81 7.17 4.89
N LEU A 116 -4.33 6.19 4.16
CA LEU A 116 -3.54 5.62 3.07
C LEU A 116 -3.38 6.66 1.95
N SER A 117 -4.46 7.44 1.68
CA SER A 117 -4.39 8.48 0.65
C SER A 117 -3.32 9.51 1.01
N ALA A 118 -3.33 9.98 2.26
CA ALA A 118 -2.37 10.98 2.69
C ALA A 118 -0.95 10.43 2.54
N GLY A 119 -0.75 9.21 2.98
CA GLY A 119 0.56 8.59 2.90
C GLY A 119 1.06 8.48 1.45
N LEU A 120 0.19 7.97 0.57
CA LEU A 120 0.58 7.74 -0.81
C LEU A 120 0.81 9.07 -1.52
N LEU A 121 -0.13 10.01 -1.34
CA LEU A 121 0.02 11.30 -2.00
C LEU A 121 1.27 12.04 -1.56
N SER A 122 1.64 11.95 -0.27
CA SER A 122 2.90 12.54 0.21
C SER A 122 4.11 11.91 -0.48
N LEU A 123 4.13 10.59 -0.64
CA LEU A 123 5.23 9.96 -1.34
C LEU A 123 5.34 10.50 -2.75
N MET A 124 4.22 10.87 -3.37
CA MET A 124 4.19 11.37 -4.74
C MET A 124 4.47 12.86 -4.86
N ALA A 125 4.61 13.57 -3.76
CA ALA A 125 4.89 15.00 -3.74
C ALA A 125 3.84 15.78 -4.50
N VAL A 126 2.56 15.39 -4.30
CA VAL A 126 1.40 15.98 -4.95
C VAL A 126 0.79 17.07 -4.05
N PRO A 127 0.69 18.34 -4.50
CA PRO A 127 -0.09 19.36 -3.81
C PRO A 127 -1.49 18.80 -3.54
N TRP A 128 -2.07 19.14 -2.38
CA TRP A 128 -3.41 18.69 -2.08
C TRP A 128 -4.41 19.76 -2.50
N ASP A 129 -4.18 20.39 -3.64
CA ASP A 129 -5.16 21.26 -4.25
C ASP A 129 -6.01 20.44 -5.22
N VAL A 130 -7.21 20.93 -5.55
CA VAL A 130 -8.13 20.18 -6.39
C VAL A 130 -7.50 19.83 -7.73
N SER A 131 -6.84 20.76 -8.43
CA SER A 131 -6.27 20.46 -9.75
C SER A 131 -5.26 19.33 -9.70
N SER A 132 -4.33 19.38 -8.72
CA SER A 132 -3.34 18.32 -8.61
C SER A 132 -4.00 16.99 -8.31
N LEU A 133 -4.96 17.02 -7.35
CA LEU A 133 -5.58 15.79 -6.91
C LEU A 133 -6.42 15.19 -8.03
N GLN A 134 -7.10 16.02 -8.84
CA GLN A 134 -7.89 15.50 -9.94
C GLN A 134 -6.98 14.81 -10.97
N GLN A 135 -5.76 15.33 -11.17
CA GLN A 135 -4.82 14.76 -12.10
C GLN A 135 -4.35 13.38 -11.63
N VAL A 136 -3.99 13.22 -10.35
CA VAL A 136 -3.53 11.91 -9.91
C VAL A 136 -4.71 10.96 -9.78
N TYR A 137 -5.89 11.47 -9.41
CA TYR A 137 -7.07 10.62 -9.37
C TYR A 137 -7.28 9.99 -10.76
N ASN A 138 -7.22 10.81 -11.79
CA ASN A 138 -7.47 10.36 -13.16
CA ASN A 138 -7.43 10.39 -13.17
C ASN A 138 -6.45 9.29 -13.56
N GLN A 139 -5.19 9.43 -13.16
CA GLN A 139 -4.16 8.47 -13.48
C GLN A 139 -4.42 7.14 -12.75
N LEU A 140 -4.80 7.23 -11.47
CA LEU A 140 -4.97 6.03 -10.65
C LEU A 140 -6.13 5.21 -11.17
N THR A 141 -7.21 5.90 -11.61
CA THR A 141 -8.44 5.22 -11.91
C THR A 141 -8.58 5.01 -13.42
N ARG A 142 -7.58 5.45 -14.20
CA ARG A 142 -7.54 5.22 -15.64
C ARG A 142 -8.76 5.86 -16.31
N ALA A 143 -9.06 7.12 -15.95
CA ALA A 143 -10.05 7.92 -16.65
C ALA A 143 -9.40 8.65 -17.83
N ALA A 144 -8.11 8.95 -17.69
N GLY B 1 20.98 -10.60 -5.42
CA GLY B 1 20.98 -11.96 -6.00
C GLY B 1 19.70 -12.26 -6.78
N PRO B 2 19.52 -13.52 -7.25
CA PRO B 2 18.41 -13.88 -8.12
C PRO B 2 17.07 -13.93 -7.39
N LEU B 3 16.00 -13.55 -8.12
CA LEU B 3 14.67 -13.48 -7.54
C LEU B 3 13.86 -14.75 -7.85
N GLY B 4 14.26 -15.51 -8.88
CA GLY B 4 13.43 -16.59 -9.38
C GLY B 4 14.17 -17.51 -10.34
N SER B 5 13.49 -17.90 -11.43
CA SER B 5 13.97 -18.81 -12.43
C SER B 5 15.15 -18.19 -13.18
N PRO B 6 15.97 -19.01 -13.85
CA PRO B 6 17.16 -18.51 -14.53
C PRO B 6 16.94 -17.48 -15.63
N THR B 7 15.75 -17.46 -16.26
CA THR B 7 15.51 -16.50 -17.33
C THR B 7 14.54 -15.39 -16.93
N MET B 8 14.03 -15.38 -15.69
CA MET B 8 13.07 -14.34 -15.34
CA MET B 8 13.11 -14.36 -15.24
C MET B 8 13.79 -12.99 -15.27
N GLU B 9 13.08 -11.98 -15.79
CA GLU B 9 13.58 -10.61 -15.83
C GLU B 9 12.58 -9.73 -15.11
N LEU B 10 13.06 -8.94 -14.14
CA LEU B 10 12.21 -7.91 -13.55
C LEU B 10 12.14 -6.73 -14.51
N VAL B 11 10.91 -6.34 -14.87
CA VAL B 11 10.67 -5.29 -15.84
C VAL B 11 9.71 -4.25 -15.26
N TYR B 12 9.63 -3.09 -15.91
CA TYR B 12 8.66 -2.11 -15.46
C TYR B 12 8.22 -1.20 -16.60
N LYS B 13 7.07 -0.54 -16.35
CA LYS B 13 6.64 0.60 -17.13
C LYS B 13 6.58 1.80 -16.19
N ASP B 14 7.08 2.93 -16.68
CA ASP B 14 7.09 4.16 -15.91
C ASP B 14 5.78 4.93 -16.14
N ARG B 15 4.93 5.01 -15.10
CA ARG B 15 3.61 5.58 -15.26
C ARG B 15 3.58 7.02 -14.73
N GLY B 16 4.77 7.57 -14.46
CA GLY B 16 4.91 8.98 -14.09
C GLY B 16 4.81 9.12 -12.58
N PHE B 17 3.61 8.85 -12.06
CA PHE B 17 3.37 8.95 -10.64
C PHE B 17 3.95 7.76 -9.89
N TYR B 18 4.15 6.63 -10.60
CA TYR B 18 4.75 5.42 -10.04
C TYR B 18 5.38 4.58 -11.16
N LYS B 19 6.36 3.72 -10.82
CA LYS B 19 6.79 2.65 -11.74
C LYS B 19 6.10 1.33 -11.41
N HIS B 20 5.57 0.72 -12.46
CA HIS B 20 4.76 -0.49 -12.36
C HIS B 20 5.62 -1.67 -12.79
N TYR B 21 5.85 -2.60 -11.86
CA TYR B 21 6.72 -3.73 -12.16
C TYR B 21 5.92 -4.95 -12.58
N GLY B 22 6.64 -5.77 -13.36
CA GLY B 22 6.20 -7.10 -13.71
C GLY B 22 7.42 -7.99 -13.86
N VAL B 23 7.18 -9.26 -14.17
CA VAL B 23 8.24 -10.19 -14.48
CA VAL B 23 8.28 -10.12 -14.52
C VAL B 23 8.03 -10.76 -15.88
N ARG B 24 9.09 -10.73 -16.65
CA ARG B 24 9.06 -11.27 -18.00
C ARG B 24 9.78 -12.61 -18.01
N VAL B 25 9.14 -13.60 -18.65
CA VAL B 25 9.74 -14.91 -18.86
C VAL B 25 9.46 -15.28 -20.31
N GLY B 26 10.52 -15.24 -21.12
CA GLY B 26 10.35 -15.37 -22.56
C GLY B 26 9.62 -14.15 -23.11
N ASN B 27 8.45 -14.36 -23.73
CA ASN B 27 7.62 -13.26 -24.22
C ASN B 27 6.38 -13.03 -23.34
N ALA B 28 6.27 -13.76 -22.21
CA ALA B 28 5.18 -13.59 -21.26
C ALA B 28 5.58 -12.58 -20.19
N ILE B 29 4.65 -11.68 -19.83
CA ILE B 29 4.84 -10.80 -18.68
C ILE B 29 3.73 -11.09 -17.68
N TYR B 30 4.15 -11.34 -16.43
CA TYR B 30 3.22 -11.49 -15.32
C TYR B 30 3.23 -10.20 -14.50
N HIS B 31 2.05 -9.65 -14.21
CA HIS B 31 1.98 -8.37 -13.50
C HIS B 31 0.59 -8.27 -12.87
N LEU B 32 0.44 -7.30 -11.97
CA LEU B 32 -0.87 -6.98 -11.43
C LEU B 32 -1.68 -6.20 -12.46
N ASP B 33 -2.95 -6.57 -12.61
CA ASP B 33 -3.77 -6.12 -13.72
C ASP B 33 -4.47 -4.80 -13.42
N SER B 34 -4.22 -4.18 -12.26
CA SER B 34 -4.79 -2.86 -11.98
C SER B 34 -3.71 -1.84 -11.65
N GLN B 35 -3.88 -0.65 -12.19
CA GLN B 35 -3.09 0.55 -12.00
C GLN B 35 -3.52 1.33 -10.75
N ASP B 36 -4.71 0.98 -10.22
CA ASP B 36 -5.26 1.70 -9.09
C ASP B 36 -4.70 1.09 -7.82
N ILE B 37 -3.47 1.48 -7.49
CA ILE B 37 -2.76 0.83 -6.41
C ILE B 37 -3.43 1.14 -5.07
N LEU B 38 -4.06 2.30 -4.97
CA LEU B 38 -4.74 2.67 -3.74
C LEU B 38 -6.00 1.82 -3.52
N SER B 39 -6.78 1.59 -4.59
CA SER B 39 -7.95 0.74 -4.51
C SER B 39 -7.54 -0.68 -4.15
N THR B 40 -6.44 -1.14 -4.75
CA THR B 40 -5.92 -2.47 -4.48
C THR B 40 -5.62 -2.61 -2.99
N ALA B 41 -4.89 -1.62 -2.43
CA ALA B 41 -4.53 -1.64 -1.02
C ALA B 41 -5.78 -1.61 -0.12
N ILE B 42 -6.76 -0.71 -0.42
CA ILE B 42 -7.94 -0.53 0.44
C ILE B 42 -8.81 -1.78 0.42
N THR B 43 -8.93 -2.45 -0.73
CA THR B 43 -9.86 -3.56 -0.88
C THR B 43 -9.20 -4.89 -0.55
N GLY B 44 -7.87 -4.94 -0.53
CA GLY B 44 -7.18 -6.19 -0.22
C GLY B 44 -7.39 -7.25 -1.29
N GLN B 45 -7.42 -6.81 -2.54
CA GLN B 45 -7.66 -7.70 -3.67
C GLN B 45 -6.74 -7.26 -4.81
N ALA B 46 -5.86 -8.16 -5.26
CA ALA B 46 -5.00 -7.90 -6.39
C ALA B 46 -5.01 -9.14 -7.28
N THR B 47 -5.06 -8.93 -8.59
CA THR B 47 -5.15 -10.04 -9.51
C THR B 47 -3.96 -9.96 -10.48
N PHE B 48 -3.21 -11.06 -10.53
CA PHE B 48 -2.19 -11.26 -11.55
C PHE B 48 -2.82 -11.66 -12.88
N ASP B 49 -2.19 -11.16 -13.94
CA ASP B 49 -2.50 -11.56 -15.28
C ASP B 49 -1.20 -11.81 -16.02
N LYS B 50 -1.30 -12.63 -17.08
CA LYS B 50 -0.21 -12.91 -17.98
C LYS B 50 -0.53 -12.30 -19.35
N ILE B 51 0.35 -11.42 -19.81
CA ILE B 51 0.15 -10.75 -21.08
C ILE B 51 1.34 -10.99 -21.99
N GLU B 52 1.15 -10.75 -23.28
CA GLU B 52 2.26 -10.74 -24.22
C GLU B 52 3.07 -9.46 -24.02
N ASP B 53 4.40 -9.56 -24.17
CA ASP B 53 5.27 -8.39 -24.16
C ASP B 53 4.97 -7.49 -25.35
N ASP B 54 4.69 -6.21 -25.10
CA ASP B 54 4.30 -5.26 -26.14
C ASP B 54 5.52 -4.48 -26.65
N GLY B 55 6.70 -4.80 -26.11
CA GLY B 55 7.92 -4.18 -26.58
C GLY B 55 8.25 -2.87 -25.86
N CYS B 56 7.42 -2.49 -24.89
CA CYS B 56 7.51 -1.20 -24.22
C CYS B 56 7.89 -1.32 -22.74
N TRP B 57 8.48 -2.45 -22.32
CA TRP B 57 8.91 -2.62 -20.94
C TRP B 57 10.41 -2.39 -20.82
N LEU B 58 10.84 -1.87 -19.67
CA LEU B 58 12.24 -1.66 -19.39
C LEU B 58 12.70 -2.72 -18.40
N VAL B 59 13.99 -3.08 -18.46
CA VAL B 59 14.57 -4.07 -17.57
C VAL B 59 15.17 -3.38 -16.36
N SER B 60 14.87 -3.92 -15.18
CA SER B 60 15.49 -3.52 -13.94
C SER B 60 16.71 -4.35 -13.65
N GLN B 61 17.75 -3.68 -13.18
CA GLN B 61 18.84 -4.34 -12.51
C GLN B 61 18.40 -4.73 -11.09
N VAL B 62 18.45 -6.03 -10.78
CA VAL B 62 17.86 -6.52 -9.54
C VAL B 62 18.77 -6.22 -8.34
N ALA B 63 20.08 -6.06 -8.56
CA ALA B 63 21.00 -5.66 -7.50
C ALA B 63 20.75 -6.51 -6.26
N ASP B 64 20.58 -5.88 -5.09
CA ASP B 64 20.37 -6.61 -3.86
C ASP B 64 18.91 -6.61 -3.40
N LEU B 65 17.94 -6.39 -4.30
CA LEU B 65 16.52 -6.39 -3.94
C LEU B 65 16.14 -7.62 -3.12
N ASP B 66 16.69 -8.81 -3.47
CA ASP B 66 16.35 -10.02 -2.76
C ASP B 66 16.67 -9.96 -1.26
N TYR B 67 17.65 -9.16 -0.84
CA TYR B 67 17.92 -8.98 0.57
C TYR B 67 16.66 -8.51 1.30
N PHE B 68 15.97 -7.56 0.67
CA PHE B 68 14.74 -7.00 1.21
C PHE B 68 13.55 -7.95 1.04
N THR B 69 13.33 -8.44 -0.19
CA THR B 69 12.15 -9.26 -0.43
C THR B 69 12.21 -10.55 0.37
N ASP B 70 13.41 -11.10 0.60
CA ASP B 70 13.53 -12.33 1.37
C ASP B 70 12.96 -12.16 2.77
N LYS B 71 13.02 -10.94 3.34
CA LYS B 71 12.51 -10.73 4.68
C LYS B 71 11.02 -11.02 4.71
N TYR B 72 10.30 -10.59 3.66
CA TYR B 72 8.86 -10.75 3.59
C TYR B 72 8.47 -12.13 3.08
N VAL B 73 9.25 -12.69 2.17
CA VAL B 73 9.03 -14.05 1.73
C VAL B 73 9.06 -14.96 2.96
N ASN B 74 10.04 -14.74 3.85
CA ASN B 74 10.19 -15.53 5.05
C ASN B 74 9.12 -15.20 6.06
N SER B 75 8.71 -13.92 6.17
CA SER B 75 7.84 -13.51 7.26
C SER B 75 6.36 -13.76 6.93
N LEU B 76 6.04 -14.01 5.66
CA LEU B 76 4.63 -14.15 5.31
C LEU B 76 4.40 -15.50 4.64
N VAL B 77 5.14 -16.52 5.11
CA VAL B 77 5.12 -17.85 4.53
C VAL B 77 3.77 -18.51 4.81
N GLY B 78 3.41 -18.60 6.10
CA GLY B 78 2.12 -19.13 6.52
C GLY B 78 1.15 -18.00 6.81
N THR B 79 0.79 -17.24 5.76
CA THR B 79 -0.05 -16.07 5.91
C THR B 79 -0.86 -15.85 4.64
N LYS B 80 -2.19 -15.72 4.79
CA LYS B 80 -3.05 -15.41 3.66
C LYS B 80 -2.58 -14.08 3.07
N HIS B 81 -2.61 -13.99 1.74
CA HIS B 81 -2.24 -12.78 1.06
C HIS B 81 -3.36 -12.39 0.12
N ILE B 82 -3.21 -11.23 -0.54
CA ILE B 82 -4.30 -10.63 -1.30
C ILE B 82 -4.31 -11.03 -2.77
N PHE B 83 -3.37 -11.90 -3.20
CA PHE B 83 -3.13 -12.10 -4.63
C PHE B 83 -3.91 -13.29 -5.16
N SER B 84 -4.64 -13.04 -6.24
CA SER B 84 -5.26 -14.07 -7.04
C SER B 84 -4.70 -13.95 -8.45
N ALA B 85 -5.19 -14.79 -9.35
CA ALA B 85 -4.72 -14.78 -10.72
C ALA B 85 -5.87 -15.05 -11.67
N THR B 86 -5.73 -14.55 -12.90
CA THR B 86 -6.60 -14.92 -13.99
C THR B 86 -6.29 -16.34 -14.44
N GLN B 87 -7.08 -16.84 -15.39
CA GLN B 87 -6.94 -18.20 -15.89
C GLN B 87 -5.67 -18.38 -16.70
N ASN B 88 -5.02 -17.29 -17.11
CA ASN B 88 -3.87 -17.30 -17.99
CA ASN B 88 -3.89 -17.50 -18.01
C ASN B 88 -2.58 -17.57 -17.21
N CYS B 89 -2.67 -17.81 -15.90
CA CYS B 89 -1.46 -17.88 -15.07
C CYS B 89 -1.15 -19.30 -14.59
N GLU B 90 -1.61 -20.31 -15.33
CA GLU B 90 -1.51 -21.70 -14.90
C GLU B 90 -0.07 -22.08 -14.55
N THR B 91 0.89 -21.58 -15.33
CA THR B 91 2.26 -22.02 -15.19
C THR B 91 3.13 -20.94 -14.54
N ILE B 92 2.56 -20.08 -13.71
CA ILE B 92 3.34 -18.99 -13.16
C ILE B 92 4.47 -19.49 -12.25
N ALA B 93 4.23 -20.51 -11.43
CA ALA B 93 5.27 -20.96 -10.50
C ALA B 93 6.47 -21.50 -11.25
N ARG B 94 6.23 -22.27 -12.29
CA ARG B 94 7.33 -22.77 -13.09
C ARG B 94 8.03 -21.65 -13.84
N ASP B 95 7.26 -20.76 -14.47
CA ASP B 95 7.86 -19.72 -15.31
C ASP B 95 8.73 -18.77 -14.46
N VAL B 96 8.13 -18.27 -13.38
CA VAL B 96 8.74 -17.21 -12.60
C VAL B 96 9.78 -17.76 -11.62
N PHE B 97 9.49 -18.90 -10.97
CA PHE B 97 10.37 -19.38 -9.90
C PHE B 97 11.13 -20.65 -10.25
N GLY B 98 10.76 -21.32 -11.34
CA GLY B 98 11.47 -22.50 -11.82
C GLY B 98 11.21 -23.71 -10.93
N ASP B 99 10.03 -23.73 -10.30
CA ASP B 99 9.73 -24.75 -9.30
C ASP B 99 8.32 -25.28 -9.53
N SER B 100 8.24 -26.44 -10.19
CA SER B 100 6.97 -27.07 -10.54
C SER B 100 6.24 -27.61 -9.32
N SER B 101 6.96 -27.79 -8.20
CA SER B 101 6.36 -28.28 -6.97
C SER B 101 5.70 -27.17 -6.15
N MET B 102 6.01 -25.90 -6.47
CA MET B 102 5.41 -24.75 -5.80
C MET B 102 3.99 -24.60 -6.33
N THR B 103 3.04 -24.39 -5.42
CA THR B 103 1.67 -24.15 -5.83
C THR B 103 1.56 -22.77 -6.45
N GLN B 104 0.57 -22.58 -7.34
CA GLN B 104 0.26 -21.28 -7.89
C GLN B 104 0.09 -20.25 -6.76
N GLY B 105 -0.67 -20.60 -5.72
CA GLY B 105 -0.93 -19.70 -4.60
C GLY B 105 0.34 -19.17 -3.95
N ARG B 106 1.29 -20.07 -3.71
CA ARG B 106 2.52 -19.69 -3.03
C ARG B 106 3.31 -18.79 -3.98
N ALA B 107 3.31 -19.13 -5.28
CA ALA B 107 3.99 -18.29 -6.26
C ALA B 107 3.40 -16.89 -6.29
N LEU B 108 2.08 -16.78 -6.26
CA LEU B 108 1.46 -15.46 -6.33
C LEU B 108 1.88 -14.61 -5.12
N GLY B 109 1.98 -15.24 -3.96
CA GLY B 109 2.35 -14.51 -2.75
C GLY B 109 3.79 -13.99 -2.86
N ILE B 110 4.68 -14.84 -3.34
CA ILE B 110 6.08 -14.45 -3.43
C ILE B 110 6.23 -13.36 -4.49
N LEU B 111 5.61 -13.54 -5.66
CA LEU B 111 5.70 -12.56 -6.71
C LEU B 111 5.05 -11.24 -6.29
N GLY B 112 3.93 -11.32 -5.57
CA GLY B 112 3.32 -10.10 -5.07
C GLY B 112 4.22 -9.36 -4.09
N VAL B 113 4.96 -10.07 -3.23
CA VAL B 113 5.98 -9.44 -2.39
C VAL B 113 7.00 -8.69 -3.25
N ILE B 114 7.51 -9.38 -4.29
CA ILE B 114 8.57 -8.80 -5.10
C ILE B 114 8.07 -7.53 -5.80
N LEU B 115 6.91 -7.62 -6.48
CA LEU B 115 6.44 -6.51 -7.29
C LEU B 115 6.03 -5.33 -6.39
N LEU B 116 5.38 -5.59 -5.26
CA LEU B 116 5.00 -4.46 -4.40
C LEU B 116 6.24 -3.86 -3.75
N SER B 117 7.21 -4.68 -3.35
CA SER B 117 8.47 -4.17 -2.82
C SER B 117 9.19 -3.26 -3.82
N ALA B 118 9.32 -3.73 -5.05
CA ALA B 118 9.97 -2.95 -6.08
C ALA B 118 9.23 -1.62 -6.29
N GLY B 119 7.91 -1.70 -6.36
CA GLY B 119 7.13 -0.50 -6.59
C GLY B 119 7.22 0.50 -5.45
N LEU B 120 7.17 0.03 -4.22
CA LEU B 120 7.25 0.90 -3.05
C LEU B 120 8.65 1.51 -2.97
N LEU B 121 9.69 0.70 -3.14
CA LEU B 121 11.04 1.21 -3.05
C LEU B 121 11.29 2.25 -4.14
N SER B 122 10.77 2.03 -5.35
CA SER B 122 10.88 3.02 -6.41
CA SER B 122 10.87 3.01 -6.41
C SER B 122 10.17 4.32 -6.00
N LEU B 123 8.99 4.25 -5.42
CA LEU B 123 8.30 5.46 -4.99
C LEU B 123 9.14 6.24 -3.99
N MET B 124 9.87 5.51 -3.15
CA MET B 124 10.71 6.13 -2.13
C MET B 124 12.08 6.54 -2.66
N ALA B 125 12.40 6.16 -3.89
CA ALA B 125 13.69 6.41 -4.52
C ALA B 125 14.81 5.87 -3.64
N VAL B 126 14.62 4.63 -3.16
CA VAL B 126 15.61 3.91 -2.37
C VAL B 126 16.37 2.98 -3.31
N PRO B 127 17.71 3.13 -3.46
CA PRO B 127 18.51 2.18 -4.23
C PRO B 127 18.57 0.80 -3.58
N TRP B 128 18.78 -0.20 -4.43
CA TRP B 128 18.60 -1.57 -4.02
C TRP B 128 19.94 -2.17 -3.57
N ASP B 129 20.66 -1.43 -2.72
CA ASP B 129 21.85 -1.94 -2.06
C ASP B 129 21.45 -2.35 -0.64
N VAL B 130 22.20 -3.29 -0.04
CA VAL B 130 21.82 -3.85 1.25
C VAL B 130 21.66 -2.73 2.30
N SER B 131 22.63 -1.80 2.40
CA SER B 131 22.58 -0.76 3.42
CA SER B 131 22.59 -0.75 3.41
C SER B 131 21.31 0.08 3.28
N SER B 132 20.98 0.52 2.06
CA SER B 132 19.82 1.38 1.87
C SER B 132 18.55 0.59 2.24
N LEU B 133 18.49 -0.67 1.77
CA LEU B 133 17.33 -1.51 1.98
C LEU B 133 17.13 -1.80 3.47
N GLN B 134 18.21 -2.05 4.22
CA GLN B 134 18.08 -2.30 5.64
C GLN B 134 17.53 -1.06 6.35
N GLN B 135 17.98 0.13 5.95
CA GLN B 135 17.54 1.38 6.55
C GLN B 135 16.02 1.58 6.35
N VAL B 136 15.47 1.30 5.17
N VAL B 136 15.51 1.35 5.13
CA VAL B 136 14.04 1.49 5.01
CA VAL B 136 14.08 1.42 4.85
C VAL B 136 13.28 0.35 5.68
C VAL B 136 13.33 0.38 5.68
N TYR B 137 13.81 -0.87 5.69
CA TYR B 137 13.17 -1.95 6.40
C TYR B 137 13.04 -1.63 7.89
N ASN B 138 14.09 -1.04 8.46
CA ASN B 138 14.08 -0.62 9.86
C ASN B 138 12.96 0.38 10.15
N GLN B 139 12.73 1.33 9.24
CA GLN B 139 11.67 2.31 9.43
C GLN B 139 10.31 1.66 9.25
N LEU B 140 10.17 0.74 8.29
CA LEU B 140 8.90 0.08 8.04
C LEU B 140 8.46 -0.76 9.25
N THR B 141 9.42 -1.37 9.94
CA THR B 141 9.12 -2.26 11.06
C THR B 141 9.24 -1.58 12.42
N ARG B 142 9.56 -0.28 12.44
CA ARG B 142 9.62 0.50 13.68
C ARG B 142 8.20 0.53 14.29
N ALA B 143 8.11 0.56 15.62
CA ALA B 143 6.81 0.63 16.26
C ALA B 143 6.04 1.84 15.72
N ALA B 144 4.77 1.65 15.37
CA ALA B 144 3.98 2.69 14.70
C ALA B 144 3.85 3.95 15.54
N ALA B 145 3.76 3.83 16.87
CA ALA B 145 3.59 5.00 17.71
C ALA B 145 4.93 5.72 18.01
N SER B 146 6.07 5.11 17.65
CA SER B 146 7.40 5.61 18.03
C SER B 146 7.83 6.80 17.17
#